data_5VA7
#
_entry.id   5VA7
#
_cell.length_a   39.143
_cell.length_b   96.855
_cell.length_c   104.554
_cell.angle_alpha   90.000
_cell.angle_beta   90.000
_cell.angle_gamma   90.000
#
_symmetry.space_group_name_H-M   'P 21 21 21'
#
loop_
_entity.id
_entity.type
_entity.pdbx_description
1 polymer 'Glucocorticoid receptor'
2 polymer "DNA (5'-D(*AP*GP*GP*GP*TP*GP*AP*GP*TP*CP*AP*GP*GP*AP*TP*G)-3')"
3 polymer "DNA (5'-D(*CP*AP*TP*CP*CP*TP*GP*AP*CP*TP*CP*AP*CP*CP*CP*T)-3')"
4 non-polymer 'ZINC ION'
5 water water
#
loop_
_entity_poly.entity_id
_entity_poly.type
_entity_poly.pdbx_seq_one_letter_code
_entity_poly.pdbx_strand_id
1 'polypeptide(L)' KLCLVCSDEASGCHYGVLTCGSCKVFFKRAVEGQHNYLCAGRNDCIIDKIRRKNCPACRYRKCLQAGMNL A,B
2 'polydeoxyribonucleotide' (DA)(DG)(DG)(DG)(DT)(DG)(DA)(DG)(DT)(DC)(DA)(DG)(DG)(DA)(DT)(DG) C
3 'polydeoxyribonucleotide' (DC)(DA)(DT)(DC)(DC)(DT)(DG)(DA)(DC)(DT)(DC)(DA)(DC)(DC)(DC)(DT) D
#
loop_
_chem_comp.id
_chem_comp.type
_chem_comp.name
_chem_comp.formula
DA DNA linking 2'-DEOXYADENOSINE-5'-MONOPHOSPHATE 'C10 H14 N5 O6 P'
DC DNA linking 2'-DEOXYCYTIDINE-5'-MONOPHOSPHATE 'C9 H14 N3 O7 P'
DG DNA linking 2'-DEOXYGUANOSINE-5'-MONOPHOSPHATE 'C10 H14 N5 O7 P'
DT DNA linking THYMIDINE-5'-MONOPHOSPHATE 'C10 H15 N2 O8 P'
ZN non-polymer 'ZINC ION' 'Zn 2'
#
# COMPACT_ATOMS: atom_id res chain seq x y z
N LYS A 1 -7.92 -18.94 6.42
CA LYS A 1 -6.57 -19.31 6.82
C LYS A 1 -5.73 -19.84 5.66
N LEU A 2 -6.35 -20.60 4.74
CA LEU A 2 -5.55 -21.18 3.65
C LEU A 2 -5.88 -20.65 2.24
N CYS A 3 -4.84 -20.35 1.47
CA CYS A 3 -5.00 -19.93 0.09
C CYS A 3 -5.77 -20.95 -0.74
N LEU A 4 -6.84 -20.51 -1.37
CA LEU A 4 -7.65 -21.39 -2.20
C LEU A 4 -6.93 -21.85 -3.47
N VAL A 5 -5.77 -21.26 -3.77
CA VAL A 5 -5.07 -21.65 -4.99
C VAL A 5 -3.93 -22.61 -4.69
N CYS A 6 -3.14 -22.34 -3.65
CA CYS A 6 -1.98 -23.20 -3.37
C CYS A 6 -1.92 -23.78 -1.95
N SER A 7 -2.92 -23.46 -1.11
CA SER A 7 -3.02 -23.99 0.26
C SER A 7 -1.96 -23.45 1.24
N ASP A 8 -1.06 -22.60 0.78
CA ASP A 8 -0.21 -21.82 1.68
C ASP A 8 -1.07 -20.99 2.64
N GLU A 9 -0.45 -20.36 3.61
CA GLU A 9 -1.17 -19.48 4.53
C GLU A 9 -1.75 -18.26 3.79
N ALA A 10 -3.05 -18.06 3.89
CA ALA A 10 -3.71 -16.94 3.20
C ALA A 10 -3.49 -15.62 3.94
N SER A 11 -3.36 -14.53 3.19
CA SER A 11 -3.09 -13.25 3.82
C SER A 11 -4.33 -12.36 3.81
N GLY A 12 -5.32 -12.70 3.00
CA GLY A 12 -6.53 -11.91 2.95
C GLY A 12 -7.41 -12.27 1.78
N CYS A 13 -8.41 -11.46 1.53
CA CYS A 13 -9.30 -11.70 0.42
C CYS A 13 -8.85 -10.81 -0.75
N HIS A 14 -8.20 -11.43 -1.74
CA HIS A 14 -7.59 -10.71 -2.85
C HIS A 14 -8.30 -11.02 -4.16
N TYR A 15 -8.65 -9.97 -4.88
CA TYR A 15 -9.36 -10.10 -6.15
C TYR A 15 -10.55 -11.04 -5.99
N GLY A 16 -11.22 -10.95 -4.84
CA GLY A 16 -12.43 -11.68 -4.59
C GLY A 16 -12.27 -13.00 -3.88
N VAL A 17 -11.03 -13.42 -3.66
CA VAL A 17 -10.75 -14.78 -3.20
C VAL A 17 -9.71 -14.85 -2.07
N LEU A 18 -9.92 -15.75 -1.13
CA LEU A 18 -8.95 -16.01 -0.06
C LEU A 18 -7.68 -16.59 -0.62
N THR A 19 -6.61 -15.80 -0.65
CA THR A 19 -5.34 -16.20 -1.22
C THR A 19 -4.16 -15.66 -0.42
N CYS A 20 -3.01 -16.30 -0.61
CA CYS A 20 -1.72 -15.80 -0.14
C CYS A 20 -1.27 -14.62 -0.99
N GLY A 21 -0.27 -13.90 -0.50
CA GLY A 21 0.19 -12.69 -1.14
C GLY A 21 0.78 -12.98 -2.52
N SER A 22 1.48 -14.10 -2.66
CA SER A 22 2.16 -14.39 -3.91
C SER A 22 1.20 -14.80 -5.02
N CYS A 23 0.18 -15.58 -4.70
CA CYS A 23 -0.86 -15.90 -5.68
C CYS A 23 -1.63 -14.64 -6.08
N LYS A 24 -1.85 -13.72 -5.13
CA LYS A 24 -2.40 -12.40 -5.44
C LYS A 24 -1.67 -11.69 -6.59
N VAL A 25 -0.36 -11.55 -6.45
CA VAL A 25 0.38 -10.77 -7.43
C VAL A 25 0.64 -11.65 -8.70
N PHE A 26 0.75 -12.95 -8.53
CA PHE A 26 0.83 -13.83 -9.71
C PHE A 26 -0.41 -13.59 -10.60
N PHE A 27 -1.59 -13.61 -10.01
CA PHE A 27 -2.80 -13.46 -10.80
C PHE A 27 -2.85 -12.11 -11.51
N LYS A 28 -2.53 -11.05 -10.77
CA LYS A 28 -2.52 -9.71 -11.33
C LYS A 28 -1.58 -9.64 -12.54
N ARG A 29 -0.39 -10.20 -12.42
CA ARG A 29 0.52 -10.21 -13.58
C ARG A 29 0.05 -11.08 -14.74
N ALA A 30 -0.74 -12.11 -14.46
CA ALA A 30 -1.20 -12.99 -15.54
C ALA A 30 -2.34 -12.34 -16.30
N VAL A 31 -3.26 -11.67 -15.61
CA VAL A 31 -4.40 -11.06 -16.32
C VAL A 31 -4.08 -9.79 -17.09
N GLU A 32 -3.03 -9.09 -16.70
CA GLU A 32 -2.70 -7.86 -17.41
C GLU A 32 -1.75 -8.16 -18.55
N GLY A 33 -0.77 -9.01 -18.30
CA GLY A 33 0.16 -9.34 -19.35
C GLY A 33 -0.45 -10.35 -20.29
N GLN A 34 0.41 -11.12 -20.94
CA GLN A 34 -0.03 -12.28 -21.67
C GLN A 34 -0.17 -13.42 -20.67
N HIS A 35 -1.08 -14.34 -20.93
CA HIS A 35 -1.12 -15.55 -20.10
C HIS A 35 -1.06 -16.76 -21.03
N ASN A 36 -0.15 -16.71 -22.00
CA ASN A 36 0.02 -17.77 -22.97
C ASN A 36 0.95 -18.85 -22.41
N TYR A 37 0.56 -19.38 -21.26
CA TYR A 37 1.32 -20.43 -20.59
C TYR A 37 1.03 -21.80 -21.20
N LEU A 38 2.03 -22.67 -21.21
CA LEU A 38 1.83 -24.05 -21.61
C LEU A 38 2.09 -24.99 -20.43
N CYS A 39 1.19 -25.96 -20.22
CA CYS A 39 1.39 -26.96 -19.19
C CYS A 39 2.24 -28.07 -19.80
N ALA A 40 3.24 -28.58 -19.07
CA ALA A 40 4.08 -29.65 -19.64
C ALA A 40 3.58 -31.01 -19.18
N GLY A 41 2.54 -30.99 -18.36
CA GLY A 41 1.94 -32.20 -17.84
C GLY A 41 0.61 -32.44 -18.51
N ARG A 42 -0.41 -32.74 -17.72
CA ARG A 42 -1.74 -33.00 -18.26
C ARG A 42 -2.79 -32.02 -17.74
N ASN A 43 -2.40 -30.74 -17.57
CA ASN A 43 -3.30 -29.71 -17.04
C ASN A 43 -3.94 -30.02 -15.70
N ASP A 44 -3.25 -30.81 -14.88
CA ASP A 44 -3.68 -30.99 -13.50
C ASP A 44 -2.46 -31.01 -12.58
N CYS A 45 -1.50 -30.13 -12.82
CA CYS A 45 -0.28 -30.13 -12.04
C CYS A 45 -0.63 -29.82 -10.56
N ILE A 46 0.07 -30.42 -9.62
CA ILE A 46 -0.16 -30.11 -8.20
C ILE A 46 0.35 -28.72 -7.85
N ILE A 47 -0.52 -27.86 -7.36
CA ILE A 47 -0.12 -26.48 -7.06
C ILE A 47 -0.08 -26.31 -5.55
N ASP A 48 1.09 -26.44 -4.93
CA ASP A 48 1.18 -26.20 -3.49
C ASP A 48 2.37 -25.28 -3.27
N LYS A 49 2.65 -24.94 -2.02
CA LYS A 49 3.73 -23.97 -1.75
C LYS A 49 5.05 -24.35 -2.41
N ILE A 50 5.35 -25.65 -2.46
CA ILE A 50 6.62 -26.12 -3.04
C ILE A 50 6.63 -26.14 -4.58
N ARG A 51 5.46 -26.31 -5.18
CA ARG A 51 5.42 -26.58 -6.61
C ARG A 51 4.66 -25.53 -7.45
N ARG A 52 4.08 -24.54 -6.79
CA ARG A 52 3.31 -23.53 -7.51
C ARG A 52 4.12 -22.78 -8.57
N LYS A 53 5.45 -22.78 -8.44
CA LYS A 53 6.31 -22.16 -9.46
C LYS A 53 6.43 -22.99 -10.74
N ASN A 54 6.27 -24.31 -10.67
CA ASN A 54 6.48 -25.15 -11.86
C ASN A 54 5.55 -24.88 -13.03
N CYS A 55 4.26 -24.67 -12.74
CA CYS A 55 3.31 -24.59 -13.81
C CYS A 55 2.42 -23.36 -13.69
N PRO A 56 2.88 -22.24 -14.26
CA PRO A 56 2.02 -21.06 -14.28
C PRO A 56 0.69 -21.36 -14.94
N ALA A 57 0.64 -22.23 -15.95
CA ALA A 57 -0.63 -22.51 -16.62
C ALA A 57 -1.62 -23.13 -15.66
N CYS A 58 -1.21 -24.10 -14.85
CA CYS A 58 -2.14 -24.73 -13.93
C CYS A 58 -2.41 -23.78 -12.76
N ARG A 59 -1.43 -22.99 -12.36
CA ARG A 59 -1.67 -22.03 -11.28
C ARG A 59 -2.72 -21.01 -11.71
N TYR A 60 -2.62 -20.57 -12.95
CA TYR A 60 -3.53 -19.55 -13.44
C TYR A 60 -4.94 -20.12 -13.57
N ARG A 61 -5.05 -21.36 -14.00
CA ARG A 61 -6.33 -22.04 -14.10
C ARG A 61 -6.98 -22.15 -12.72
N LYS A 62 -6.19 -22.53 -11.71
CA LYS A 62 -6.77 -22.58 -10.35
C LYS A 62 -7.18 -21.20 -9.86
N CYS A 63 -6.46 -20.14 -10.24
CA CYS A 63 -6.94 -18.78 -9.88
C CYS A 63 -8.33 -18.53 -10.47
N LEU A 64 -8.49 -18.78 -11.78
CA LEU A 64 -9.77 -18.56 -12.46
C LEU A 64 -10.87 -19.42 -11.86
N GLN A 65 -10.57 -20.69 -11.62
CA GLN A 65 -11.52 -21.65 -11.09
C GLN A 65 -11.97 -21.21 -9.69
N ALA A 66 -11.07 -20.63 -8.92
CA ALA A 66 -11.43 -20.15 -7.59
C ALA A 66 -12.25 -18.86 -7.68
N GLY A 67 -12.28 -18.23 -8.86
CA GLY A 67 -13.13 -17.05 -9.03
C GLY A 67 -12.42 -15.72 -8.92
N MET A 68 -11.09 -15.73 -8.95
CA MET A 68 -10.36 -14.46 -8.94
C MET A 68 -10.71 -13.59 -10.15
N ASN A 69 -10.80 -12.30 -9.92
CA ASN A 69 -11.12 -11.36 -10.98
C ASN A 69 -10.78 -9.94 -10.56
N LEU A 70 -10.24 -9.14 -11.47
CA LEU A 70 -10.15 -7.70 -11.24
C LEU A 70 -11.54 -7.11 -11.11
N LYS D 1 14.67 7.58 13.59
CA LYS D 1 13.67 7.97 12.59
C LYS D 1 12.72 9.03 13.14
N LEU D 2 12.88 10.28 12.72
CA LEU D 2 12.00 11.34 13.21
C LEU D 2 11.26 12.08 12.10
N CYS D 3 9.99 12.40 12.36
CA CYS D 3 9.18 13.18 11.44
C CYS D 3 9.90 14.50 11.11
N LEU D 4 10.18 14.70 9.82
CA LEU D 4 10.83 15.92 9.37
C LEU D 4 9.96 17.16 9.52
N VAL D 5 8.70 16.97 9.92
CA VAL D 5 7.79 18.09 10.11
C VAL D 5 7.67 18.45 11.59
N CYS D 6 7.34 17.46 12.43
CA CYS D 6 7.07 17.75 13.83
C CYS D 6 8.03 17.05 14.81
N SER D 7 9.02 16.32 14.27
CA SER D 7 10.05 15.61 15.05
C SER D 7 9.57 14.44 15.91
N ASP D 8 8.28 14.14 15.85
CA ASP D 8 7.72 12.93 16.43
C ASP D 8 8.24 11.68 15.70
N GLU D 9 7.88 10.49 16.21
CA GLU D 9 8.34 9.21 15.66
C GLU D 9 7.86 8.97 14.22
N ALA D 10 8.81 8.88 13.29
CA ALA D 10 8.50 8.60 11.90
C ALA D 10 8.00 7.17 11.69
N SER D 11 6.96 7.02 10.87
CA SER D 11 6.40 5.72 10.54
C SER D 11 6.85 5.21 9.16
N GLY D 12 7.30 6.13 8.31
CA GLY D 12 7.77 5.76 6.99
C GLY D 12 7.95 6.99 6.14
N CYS D 13 8.13 6.79 4.83
CA CYS D 13 8.33 7.90 3.93
C CYS D 13 7.04 8.18 3.16
N HIS D 14 6.23 9.10 3.69
CA HIS D 14 4.92 9.38 3.12
C HIS D 14 4.90 10.62 2.25
N TYR D 15 4.29 10.50 1.07
CA TYR D 15 4.21 11.59 0.10
C TYR D 15 5.58 12.19 -0.16
N GLY D 16 6.59 11.33 -0.17
CA GLY D 16 7.92 11.70 -0.58
C GLY D 16 8.86 12.07 0.56
N VAL D 17 8.35 12.06 1.78
CA VAL D 17 9.11 12.59 2.90
C VAL D 17 8.93 11.77 4.18
N LEU D 18 9.99 11.62 4.95
CA LEU D 18 9.94 10.93 6.22
C LEU D 18 9.08 11.66 7.28
N THR D 19 7.93 11.08 7.65
CA THR D 19 6.96 11.73 8.52
C THR D 19 6.18 10.74 9.38
N CYS D 20 5.55 11.24 10.44
CA CYS D 20 4.73 10.45 11.33
C CYS D 20 3.33 10.21 10.75
N GLY D 21 2.55 9.37 11.41
CA GLY D 21 1.20 9.09 10.96
C GLY D 21 0.30 10.32 10.95
N SER D 22 0.34 11.13 12.01
CA SER D 22 -0.53 12.29 12.06
C SER D 22 -0.17 13.31 10.96
N CYS D 23 1.11 13.56 10.73
CA CYS D 23 1.45 14.53 9.68
C CYS D 23 1.07 14.01 8.30
N LYS D 24 1.19 12.70 8.10
CA LYS D 24 0.65 12.08 6.88
C LYS D 24 -0.83 12.40 6.66
N VAL D 25 -1.70 12.10 7.63
CA VAL D 25 -3.12 12.32 7.39
C VAL D 25 -3.41 13.80 7.39
N PHE D 26 -2.63 14.59 8.12
CA PHE D 26 -2.86 16.05 8.14
C PHE D 26 -2.64 16.62 6.75
N PHE D 27 -1.53 16.25 6.14
CA PHE D 27 -1.15 16.83 4.85
C PHE D 27 -2.18 16.53 3.78
N LYS D 28 -2.59 15.27 3.67
CA LYS D 28 -3.57 14.87 2.67
C LYS D 28 -4.87 15.65 2.89
N ARG D 29 -5.34 15.73 4.13
CA ARG D 29 -6.54 16.50 4.41
C ARG D 29 -6.37 17.99 4.08
N ALA D 30 -5.17 18.51 4.24
CA ALA D 30 -4.91 19.93 3.97
C ALA D 30 -4.91 20.20 2.47
N VAL D 31 -4.31 19.32 1.69
CA VAL D 31 -4.25 19.54 0.23
C VAL D 31 -5.64 19.46 -0.40
N GLU D 32 -6.45 18.50 0.05
CA GLU D 32 -7.70 18.17 -0.59
C GLU D 32 -8.88 18.91 0.00
N GLY D 33 -8.71 19.37 1.23
CA GLY D 33 -9.81 19.94 1.95
C GLY D 33 -9.91 21.43 1.71
N GLN D 34 -11.04 21.97 2.15
CA GLN D 34 -11.25 23.40 2.19
C GLN D 34 -10.97 23.85 3.62
N HIS D 35 -9.87 24.57 3.80
CA HIS D 35 -9.47 25.05 5.11
C HIS D 35 -9.17 26.55 5.07
N ASN D 36 -9.38 27.23 6.19
CA ASN D 36 -8.97 28.63 6.29
C ASN D 36 -7.81 28.79 7.26
N TYR D 37 -6.62 28.34 6.87
CA TYR D 37 -5.48 28.34 7.81
C TYR D 37 -4.80 29.70 7.84
N LEU D 38 -4.75 30.28 9.03
CA LEU D 38 -4.08 31.56 9.24
C LEU D 38 -3.24 31.51 10.52
N CYS D 39 -1.98 31.94 10.42
CA CYS D 39 -1.07 31.92 11.56
C CYS D 39 -1.37 33.10 12.52
N ALA D 40 -1.34 32.85 13.83
CA ALA D 40 -1.60 33.93 14.78
C ALA D 40 -0.31 34.63 15.17
N GLY D 41 0.80 34.16 14.63
CA GLY D 41 2.10 34.70 14.99
C GLY D 41 2.80 35.42 13.85
N ARG D 42 3.84 34.79 13.31
CA ARG D 42 4.71 35.43 12.33
C ARG D 42 5.05 34.49 11.18
N ASN D 43 4.18 33.52 10.90
CA ASN D 43 4.46 32.47 9.90
C ASN D 43 5.77 31.74 10.18
N ASP D 44 6.10 31.54 11.45
CA ASP D 44 7.35 30.86 11.85
C ASP D 44 7.19 30.08 13.17
N CYS D 45 6.06 29.39 13.34
CA CYS D 45 5.79 28.76 14.62
C CYS D 45 6.65 27.51 14.80
N ILE D 46 6.94 27.17 16.04
CA ILE D 46 7.53 25.87 16.36
C ILE D 46 6.51 24.76 16.17
N ILE D 47 6.85 23.79 15.33
CA ILE D 47 5.99 22.62 15.12
C ILE D 47 6.64 21.40 15.77
N ASP D 48 6.04 20.91 16.87
CA ASP D 48 6.47 19.66 17.50
C ASP D 48 5.22 18.87 17.89
N LYS D 49 5.42 17.79 18.65
CA LYS D 49 4.35 16.85 18.91
C LYS D 49 3.12 17.48 19.55
N ILE D 50 3.34 18.44 20.43
CA ILE D 50 2.24 19.15 21.03
C ILE D 50 1.84 20.39 20.23
N ARG D 51 2.83 21.22 19.90
CA ARG D 51 2.54 22.52 19.29
C ARG D 51 1.95 22.42 17.89
N ARG D 52 2.12 21.27 17.22
CA ARG D 52 1.67 21.13 15.83
C ARG D 52 0.17 21.38 15.68
N LYS D 53 -0.62 21.11 16.74
CA LYS D 53 -2.04 21.41 16.72
C LYS D 53 -2.29 22.90 16.69
N ASN D 54 -1.34 23.66 17.21
CA ASN D 54 -1.59 25.09 17.36
C ASN D 54 -1.69 25.78 16.03
N CYS D 55 -0.79 25.48 15.12
CA CYS D 55 -0.77 26.25 13.90
C CYS D 55 -0.69 25.38 12.67
N PRO D 56 -1.86 24.99 12.16
CA PRO D 56 -2.01 24.26 10.90
C PRO D 56 -1.38 25.01 9.73
N ALA D 57 -1.43 26.34 9.74
CA ALA D 57 -0.81 27.11 8.67
C ALA D 57 0.70 26.83 8.59
N CYS D 58 1.39 26.94 9.71
CA CYS D 58 2.84 26.71 9.71
C CYS D 58 3.15 25.23 9.54
N ARG D 59 2.26 24.37 10.03
CA ARG D 59 2.47 22.92 9.84
C ARG D 59 2.41 22.55 8.36
N TYR D 60 1.40 23.09 7.68
CA TYR D 60 1.18 22.84 6.28
C TYR D 60 2.33 23.42 5.48
N ARG D 61 2.76 24.63 5.83
CA ARG D 61 3.89 25.26 5.16
C ARG D 61 5.14 24.41 5.29
N LYS D 62 5.43 23.93 6.49
CA LYS D 62 6.58 23.02 6.66
C LYS D 62 6.45 21.72 5.86
N CYS D 63 5.25 21.16 5.75
CA CYS D 63 5.05 19.95 4.94
C CYS D 63 5.49 20.22 3.52
N LEU D 64 5.02 21.35 2.98
CA LEU D 64 5.30 21.77 1.61
C LEU D 64 6.77 22.06 1.38
N GLN D 65 7.40 22.70 2.34
CA GLN D 65 8.82 23.03 2.22
C GLN D 65 9.72 21.79 2.36
N ALA D 66 9.25 20.79 3.09
CA ALA D 66 10.03 19.56 3.21
C ALA D 66 9.88 18.72 1.93
N GLY D 67 8.94 19.13 1.07
CA GLY D 67 8.80 18.49 -0.23
C GLY D 67 7.64 17.51 -0.35
N MET D 68 6.68 17.56 0.57
CA MET D 68 5.57 16.61 0.50
C MET D 68 4.69 16.91 -0.70
N ASN D 69 4.20 15.85 -1.33
CA ASN D 69 3.36 15.98 -2.52
C ASN D 69 2.52 14.74 -2.78
N LEU D 70 1.25 14.94 -3.09
CA LEU D 70 0.39 13.83 -3.47
C LEU D 70 0.79 13.28 -4.84
ZN ZN E . -1.44 -19.16 -2.85
ZN ZN F . 0.44 -27.90 -15.46
ZN ZN G . 2.14 29.83 12.73
ZN ZN H . 4.91 14.67 12.22
#